data_4K9G
#
_entry.id   4K9G
#
_cell.length_a   95.458
_cell.length_b   95.458
_cell.length_c   104.552
_cell.angle_alpha   90.00
_cell.angle_beta   90.00
_cell.angle_gamma   120.00
#
_symmetry.space_group_name_H-M   'P 31 2 1'
#
loop_
_entity.id
_entity.type
_entity.pdbx_description
1 polymer 'Macrophage migration inhibitory factor'
2 non-polymer (4R,6Z)-6-(3-fluoro-4-hydroxyphenyl)-4-hydroxy-6-iminohexan-2-one
3 non-polymer 1-[(5S)-3-(3-fluoro-4-hydroxyphenyl)-4,5-dihydro-1,2-oxazol-5-yl]propan-2-one
4 non-polymer 'CHLORIDE ION'
5 non-polymer 'SULFATE ION'
6 water water
#
_entity_poly.entity_id   1
_entity_poly.type   'polypeptide(L)'
_entity_poly.pdbx_seq_one_letter_code
;PMFIVNTNVPRASVPDGFLSELTQQLAQATGKPPQYIAVHVVPDQLMAFGGSSEPCALCSLHSIGKIGGAQNRSYSKLLC
GLLAERLRISPDRVYINYYDMNAANVGWNNSTFA
;
_entity_poly.pdbx_strand_id   A,B,C
#
# COMPACT_ATOMS: atom_id res chain seq x y z
N PRO A 1 -8.50 11.25 -7.47
CA PRO A 1 -8.23 9.81 -7.33
C PRO A 1 -6.75 9.51 -7.24
N MET A 2 -6.45 8.30 -6.77
CA MET A 2 -5.08 7.85 -6.61
C MET A 2 -4.96 6.47 -7.26
N PHE A 3 -4.00 6.33 -8.16
CA PHE A 3 -3.75 5.04 -8.81
C PHE A 3 -2.31 4.61 -8.57
N ILE A 4 -2.15 3.38 -8.06
CA ILE A 4 -0.83 2.84 -7.74
C ILE A 4 -0.64 1.53 -8.49
N VAL A 5 0.53 1.40 -9.15
CA VAL A 5 0.91 0.14 -9.82
C VAL A 5 2.24 -0.35 -9.27
N ASN A 6 2.26 -1.58 -8.76
CA ASN A 6 3.51 -2.22 -8.37
C ASN A 6 3.78 -3.34 -9.34
N THR A 7 5.00 -3.36 -9.87
CA THR A 7 5.30 -4.33 -10.92
C THR A 7 6.74 -4.83 -10.84
N ASN A 8 6.96 -6.05 -11.32
CA ASN A 8 8.33 -6.57 -11.45
C ASN A 8 9.04 -6.16 -12.73
N VAL A 9 8.35 -5.47 -13.65
CA VAL A 9 9.00 -5.02 -14.88
C VAL A 9 10.08 -3.98 -14.50
N PRO A 10 11.24 -4.00 -15.18
CA PRO A 10 12.30 -3.05 -14.82
C PRO A 10 11.93 -1.60 -15.11
N ARG A 11 12.56 -0.67 -14.39
CA ARG A 11 12.31 0.76 -14.57
C ARG A 11 12.48 1.19 -16.02
N ALA A 12 13.53 0.68 -16.68
CA ALA A 12 13.80 1.06 -18.06
C ALA A 12 12.67 0.69 -19.01
N SER A 13 11.82 -0.26 -18.62
CA SER A 13 10.72 -0.73 -19.46
C SER A 13 9.43 0.07 -19.22
N VAL A 14 9.45 0.97 -18.24
CA VAL A 14 8.30 1.85 -18.02
C VAL A 14 8.49 3.11 -18.86
N PRO A 15 7.61 3.37 -19.85
CA PRO A 15 7.84 4.52 -20.71
C PRO A 15 7.81 5.85 -19.93
N ASP A 16 8.59 6.82 -20.39
CA ASP A 16 8.66 8.13 -19.75
C ASP A 16 7.29 8.82 -19.65
N GLY A 17 6.40 8.53 -20.61
CA GLY A 17 5.10 9.18 -20.65
C GLY A 17 4.01 8.41 -19.94
N PHE A 18 4.36 7.30 -19.29
CA PHE A 18 3.33 6.42 -18.74
C PHE A 18 2.47 7.07 -17.67
N LEU A 19 3.10 7.85 -16.79
CA LEU A 19 2.31 8.45 -15.69
C LEU A 19 1.35 9.49 -16.24
N SER A 20 1.79 10.25 -17.25
CA SER A 20 0.91 11.22 -17.88
C SER A 20 -0.22 10.55 -18.66
N GLU A 21 0.10 9.43 -19.31
CA GLU A 21 -0.95 8.71 -20.04
C GLU A 21 -2.02 8.17 -19.07
N LEU A 22 -1.56 7.60 -17.96
CA LEU A 22 -2.47 7.12 -16.94
C LEU A 22 -3.31 8.27 -16.36
N THR A 23 -2.67 9.40 -16.11
CA THR A 23 -3.37 10.56 -15.55
C THR A 23 -4.54 10.96 -16.44
N GLN A 24 -4.24 11.11 -17.73
CA GLN A 24 -5.23 11.59 -18.68
C GLN A 24 -6.34 10.57 -18.89
N GLN A 25 -5.97 9.29 -18.99
CA GLN A 25 -6.95 8.26 -19.23
C GLN A 25 -7.87 8.05 -18.02
N LEU A 26 -7.29 8.17 -16.83
CA LEU A 26 -8.10 8.04 -15.62
C LEU A 26 -9.02 9.23 -15.46
N ALA A 27 -8.56 10.41 -15.89
CA ALA A 27 -9.41 11.62 -15.83
C ALA A 27 -10.65 11.42 -16.69
N GLN A 28 -10.47 10.95 -17.92
CA GLN A 28 -11.60 10.64 -18.79
C GLN A 28 -12.51 9.55 -18.22
N ALA A 29 -11.91 8.50 -17.64
CA ALA A 29 -12.68 7.35 -17.17
C ALA A 29 -13.52 7.68 -15.93
N THR A 30 -12.94 8.45 -15.02
CA THR A 30 -13.60 8.79 -13.75
C THR A 30 -14.44 10.06 -13.87
N GLY A 31 -14.24 10.81 -14.94
CA GLY A 31 -14.87 12.11 -15.11
C GLY A 31 -14.37 13.17 -14.14
N LYS A 32 -13.24 12.91 -13.48
CA LYS A 32 -12.62 13.90 -12.60
C LYS A 32 -11.59 14.69 -13.39
N PRO A 33 -11.44 15.99 -13.09
CA PRO A 33 -10.38 16.79 -13.71
C PRO A 33 -8.99 16.18 -13.45
N PRO A 34 -8.09 16.23 -14.44
CA PRO A 34 -6.77 15.60 -14.29
C PRO A 34 -5.92 16.19 -13.15
N GLN A 35 -6.16 17.45 -12.79
CA GLN A 35 -5.41 18.06 -11.71
C GLN A 35 -5.56 17.29 -10.40
N TYR A 36 -6.66 16.54 -10.26
CA TYR A 36 -6.94 15.81 -9.02
C TYR A 36 -6.28 14.43 -9.00
N ILE A 37 -5.80 13.96 -10.14
CA ILE A 37 -5.38 12.57 -10.21
C ILE A 37 -3.91 12.39 -9.88
N ALA A 38 -3.62 11.46 -8.95
CA ALA A 38 -2.25 11.14 -8.57
C ALA A 38 -1.93 9.72 -9.00
N VAL A 39 -0.73 9.54 -9.55
CA VAL A 39 -0.33 8.22 -10.08
C VAL A 39 1.04 7.88 -9.52
N HIS A 40 1.24 6.60 -9.22
CA HIS A 40 2.48 6.14 -8.61
C HIS A 40 2.82 4.79 -9.23
N VAL A 41 3.97 4.69 -9.91
CA VAL A 41 4.40 3.41 -10.50
C VAL A 41 5.67 2.93 -9.82
N VAL A 42 5.66 1.66 -9.42
CA VAL A 42 6.78 1.10 -8.63
C VAL A 42 7.31 -0.10 -9.38
N PRO A 43 8.37 0.11 -10.19
CA PRO A 43 8.95 -0.98 -10.95
C PRO A 43 9.98 -1.77 -10.15
N ASP A 44 10.55 -2.80 -10.78
CA ASP A 44 11.70 -3.55 -10.23
C ASP A 44 11.36 -4.30 -8.95
N GLN A 45 10.09 -4.66 -8.78
CA GLN A 45 9.65 -5.29 -7.53
C GLN A 45 9.85 -6.80 -7.53
N LEU A 46 10.12 -7.35 -6.34
CA LEU A 46 10.23 -8.79 -6.17
C LEU A 46 8.82 -9.37 -5.96
N MET A 47 8.25 -9.90 -7.03
CA MET A 47 6.86 -10.40 -6.98
C MET A 47 6.73 -11.72 -7.70
N ALA A 48 5.70 -12.45 -7.31
CA ALA A 48 5.25 -13.61 -8.06
C ALA A 48 3.73 -13.60 -8.12
N PHE A 49 3.20 -14.22 -9.16
CA PHE A 49 1.77 -14.28 -9.39
C PHE A 49 1.52 -15.71 -9.84
N GLY A 50 0.71 -16.44 -9.08
CA GLY A 50 0.48 -17.83 -9.40
C GLY A 50 1.76 -18.67 -9.32
N GLY A 51 2.71 -18.29 -8.49
CA GLY A 51 3.95 -19.04 -8.29
C GLY A 51 4.96 -18.83 -9.41
N SER A 52 4.77 -17.81 -10.20
CA SER A 52 5.64 -17.58 -11.33
C SER A 52 5.99 -16.09 -11.40
N SER A 53 7.20 -15.77 -11.88
CA SER A 53 7.64 -14.38 -11.90
C SER A 53 7.79 -13.73 -13.29
N GLU A 54 6.99 -14.18 -14.25
CA GLU A 54 6.82 -13.41 -15.49
C GLU A 54 6.19 -12.07 -15.13
N PRO A 55 6.24 -11.09 -16.05
CA PRO A 55 5.69 -9.78 -15.72
C PRO A 55 4.28 -9.84 -15.12
N CYS A 56 4.06 -9.05 -14.07
CA CYS A 56 2.77 -8.99 -13.40
C CYS A 56 2.63 -7.63 -12.73
N ALA A 57 1.42 -7.33 -12.27
CA ALA A 57 1.17 -6.03 -11.62
C ALA A 57 0.12 -6.19 -10.55
N LEU A 58 0.38 -5.52 -9.42
CA LEU A 58 -0.59 -5.41 -8.34
C LEU A 58 -0.87 -3.93 -8.17
N CYS A 59 -2.14 -3.57 -8.33
CA CYS A 59 -2.53 -2.15 -8.42
C CYS A 59 -3.63 -1.80 -7.45
N SER A 60 -3.83 -0.51 -7.21
CA SER A 60 -5.00 -0.07 -6.47
C SER A 60 -5.49 1.25 -7.04
N LEU A 61 -6.82 1.42 -7.05
CA LEU A 61 -7.43 2.69 -7.45
C LEU A 61 -8.34 3.15 -6.33
N HIS A 62 -8.05 4.35 -5.82
CA HIS A 62 -8.81 4.95 -4.71
C HIS A 62 -9.54 6.19 -5.22
N SER A 63 -10.82 6.31 -4.89
CA SER A 63 -11.58 7.47 -5.36
C SER A 63 -12.70 7.80 -4.38
N ILE A 64 -13.07 9.08 -4.32
CA ILE A 64 -14.25 9.50 -3.55
C ILE A 64 -15.38 9.45 -4.56
N GLY A 65 -16.16 8.37 -4.50
CA GLY A 65 -17.16 8.10 -5.52
C GLY A 65 -16.53 7.61 -6.81
N LYS A 66 -17.38 7.36 -7.79
CA LYS A 66 -16.95 6.86 -9.10
C LYS A 66 -16.37 5.43 -9.00
N ILE A 67 -16.77 4.71 -7.97
CA ILE A 67 -16.38 3.32 -7.75
C ILE A 67 -17.67 2.52 -7.57
N GLY A 68 -17.76 1.37 -8.23
CA GLY A 68 -18.95 0.54 -8.15
C GLY A 68 -18.82 -0.62 -9.11
N GLY A 69 -19.78 -1.55 -9.04
CA GLY A 69 -19.70 -2.78 -9.82
C GLY A 69 -19.42 -2.55 -11.30
N ALA A 70 -20.26 -1.76 -11.95
CA ALA A 70 -20.12 -1.54 -13.39
C ALA A 70 -18.89 -0.69 -13.69
N GLN A 71 -18.68 0.35 -12.90
CA GLN A 71 -17.54 1.24 -13.13
C GLN A 71 -16.22 0.47 -13.01
N ASN A 72 -16.14 -0.41 -12.02
CA ASN A 72 -14.91 -1.15 -11.77
C ASN A 72 -14.62 -2.14 -12.90
N ARG A 73 -15.69 -2.72 -13.46
CA ARG A 73 -15.50 -3.58 -14.62
C ARG A 73 -14.91 -2.81 -15.78
N SER A 74 -15.32 -1.55 -15.92
CA SER A 74 -14.84 -0.71 -17.01
C SER A 74 -13.40 -0.25 -16.75
N TYR A 75 -13.11 0.15 -15.51
CA TYR A 75 -11.73 0.51 -15.16
C TYR A 75 -10.75 -0.63 -15.40
N SER A 76 -11.16 -1.86 -15.12
CA SER A 76 -10.27 -3.00 -15.31
C SER A 76 -9.86 -3.16 -16.76
N LYS A 77 -10.82 -2.94 -17.67
CA LYS A 77 -10.49 -2.99 -19.10
C LYS A 77 -9.52 -1.87 -19.49
N LEU A 78 -9.79 -0.65 -19.00
CA LEU A 78 -8.89 0.46 -19.28
C LEU A 78 -7.47 0.15 -18.80
N LEU A 79 -7.37 -0.24 -17.53
CA LEU A 79 -6.06 -0.40 -16.92
C LEU A 79 -5.29 -1.63 -17.42
N CYS A 80 -5.99 -2.74 -17.61
CA CYS A 80 -5.36 -3.90 -18.23
C CYS A 80 -4.85 -3.56 -19.64
N GLY A 81 -5.61 -2.75 -20.38
CA GLY A 81 -5.19 -2.39 -21.74
C GLY A 81 -3.88 -1.60 -21.71
N LEU A 82 -3.80 -0.64 -20.79
CA LEU A 82 -2.59 0.18 -20.69
C LEU A 82 -1.38 -0.61 -20.22
N LEU A 83 -1.58 -1.47 -19.22
CA LEU A 83 -0.49 -2.31 -18.70
C LEU A 83 -0.02 -3.29 -19.74
N ALA A 84 -0.94 -3.81 -20.55
CA ALA A 84 -0.57 -4.74 -21.59
C ALA A 84 0.27 -4.08 -22.69
N GLU A 85 -0.19 -2.91 -23.13
CA GLU A 85 0.49 -2.26 -24.25
C GLU A 85 1.80 -1.62 -23.81
N ARG A 86 1.76 -0.88 -22.70
CA ARG A 86 2.94 -0.12 -22.32
C ARG A 86 3.97 -0.88 -21.50
N LEU A 87 3.52 -1.81 -20.67
CA LEU A 87 4.44 -2.58 -19.81
C LEU A 87 4.60 -4.04 -20.23
N ARG A 88 3.83 -4.48 -21.24
CA ARG A 88 3.92 -5.86 -21.72
C ARG A 88 3.49 -6.91 -20.69
N ILE A 89 2.52 -6.55 -19.86
CA ILE A 89 2.01 -7.45 -18.82
C ILE A 89 0.72 -8.11 -19.33
N SER A 90 0.67 -9.44 -19.26
CA SER A 90 -0.55 -10.16 -19.61
C SER A 90 -1.67 -9.79 -18.64
N PRO A 91 -2.89 -9.54 -19.16
CA PRO A 91 -3.97 -9.09 -18.29
C PRO A 91 -4.42 -10.08 -17.23
N ASP A 92 -4.12 -11.38 -17.43
CA ASP A 92 -4.43 -12.36 -16.40
C ASP A 92 -3.37 -12.41 -15.29
N ARG A 93 -2.41 -11.49 -15.35
CA ARG A 93 -1.40 -11.34 -14.28
C ARG A 93 -1.47 -9.94 -13.67
N VAL A 94 -2.68 -9.35 -13.67
CA VAL A 94 -2.94 -8.03 -13.09
C VAL A 94 -4.07 -8.17 -12.06
N TYR A 95 -3.82 -7.72 -10.83
CA TYR A 95 -4.89 -7.50 -9.87
C TYR A 95 -5.00 -6.02 -9.59
N ILE A 96 -6.24 -5.55 -9.44
CA ILE A 96 -6.52 -4.14 -9.08
C ILE A 96 -7.50 -4.10 -7.90
N ASN A 97 -7.07 -3.54 -6.78
CA ASN A 97 -8.00 -3.34 -5.68
C ASN A 97 -8.68 -1.96 -5.80
N TYR A 98 -10.00 -1.92 -5.71
CA TYR A 98 -10.76 -0.67 -5.82
C TYR A 98 -11.23 -0.24 -4.45
N TYR A 99 -11.04 1.04 -4.14
CA TYR A 99 -11.45 1.61 -2.85
C TYR A 99 -12.34 2.84 -3.06
N ASP A 100 -13.57 2.75 -2.56
CA ASP A 100 -14.51 3.87 -2.59
C ASP A 100 -14.41 4.54 -1.23
N MET A 101 -13.77 5.69 -1.20
CA MET A 101 -13.48 6.34 0.08
C MET A 101 -14.41 7.47 0.44
N ASN A 102 -14.66 7.62 1.73
CA ASN A 102 -15.40 8.76 2.24
C ASN A 102 -14.50 9.98 2.22
N ALA A 103 -15.07 11.14 1.88
CA ALA A 103 -14.30 12.38 1.81
C ALA A 103 -13.61 12.67 3.14
N ALA A 104 -14.26 12.33 4.25
CA ALA A 104 -13.68 12.56 5.59
C ALA A 104 -12.40 11.77 5.85
N ASN A 105 -12.17 10.73 5.04
CA ASN A 105 -11.00 9.87 5.21
C ASN A 105 -9.92 10.10 4.17
N VAL A 106 -10.02 11.24 3.46
CA VAL A 106 -8.99 11.61 2.50
C VAL A 106 -8.46 12.99 2.84
N GLY A 107 -7.20 13.02 3.23
CA GLY A 107 -6.51 14.25 3.60
C GLY A 107 -5.84 14.88 2.36
N TRP A 108 -5.84 16.22 2.33
CA TRP A 108 -5.25 16.99 1.23
C TRP A 108 -5.14 18.44 1.73
N ASN A 109 -4.01 19.08 1.44
CA ASN A 109 -3.87 20.53 1.64
C ASN A 109 -4.24 20.96 3.07
N ASN A 110 -3.66 20.25 4.02
CA ASN A 110 -3.79 20.56 5.45
C ASN A 110 -5.17 20.27 6.07
N SER A 111 -6.05 19.61 5.31
CA SER A 111 -7.40 19.31 5.77
C SER A 111 -7.87 17.99 5.16
N THR A 112 -9.18 17.77 5.15
CA THR A 112 -9.76 16.65 4.39
C THR A 112 -10.76 17.19 3.39
N PHE A 113 -11.26 16.31 2.53
CA PHE A 113 -12.26 16.74 1.57
C PHE A 113 -13.66 16.89 2.17
N ALA A 114 -13.88 16.38 3.39
CA ALA A 114 -15.20 16.51 4.04
C ALA A 114 -15.65 17.96 4.27
N PRO B 1 -0.45 2.37 15.59
CA PRO B 1 -0.85 2.76 14.24
C PRO B 1 0.27 2.57 13.24
N MET B 2 -0.06 2.68 11.96
CA MET B 2 0.90 2.52 10.89
C MET B 2 0.78 3.73 9.98
N PHE B 3 1.90 4.38 9.73
CA PHE B 3 1.92 5.53 8.80
C PHE B 3 2.95 5.30 7.70
N ILE B 4 2.50 5.43 6.44
CA ILE B 4 3.35 5.23 5.29
C ILE B 4 3.36 6.51 4.45
N VAL B 5 4.55 6.95 4.01
CA VAL B 5 4.67 8.10 3.10
C VAL B 5 5.47 7.66 1.90
N ASN B 6 4.87 7.79 0.72
CA ASN B 6 5.57 7.55 -0.56
C ASN B 6 5.78 8.89 -1.21
N THR B 7 7.01 9.17 -1.63
CA THR B 7 7.30 10.48 -2.20
C THR B 7 8.34 10.40 -3.32
N ASN B 8 8.28 11.36 -4.24
CA ASN B 8 9.31 11.50 -5.26
C ASN B 8 10.54 12.30 -4.81
N VAL B 9 10.50 12.87 -3.61
CA VAL B 9 11.64 13.60 -3.06
C VAL B 9 12.81 12.62 -2.90
N PRO B 10 14.04 13.06 -3.20
CA PRO B 10 15.18 12.14 -3.03
C PRO B 10 15.47 11.77 -1.57
N ARG B 11 16.06 10.59 -1.37
CA ARG B 11 16.41 10.11 -0.03
C ARG B 11 17.27 11.12 0.73
N ALA B 12 18.24 11.74 0.04
CA ALA B 12 19.15 12.68 0.72
C ALA B 12 18.41 13.91 1.25
N SER B 13 17.19 14.14 0.76
CA SER B 13 16.36 15.26 1.20
C SER B 13 15.45 14.94 2.39
N VAL B 14 15.48 13.69 2.85
CA VAL B 14 14.74 13.31 4.04
C VAL B 14 15.65 13.53 5.24
N PRO B 15 15.28 14.48 6.12
CA PRO B 15 16.25 14.83 7.16
C PRO B 15 16.47 13.71 8.16
N ASP B 16 17.69 13.65 8.69
CA ASP B 16 17.99 12.69 9.75
C ASP B 16 17.00 12.92 10.88
N GLY B 17 16.43 11.83 11.39
CA GLY B 17 15.47 11.90 12.51
C GLY B 17 14.01 12.02 12.09
N PHE B 18 13.74 12.06 10.79
CA PHE B 18 12.37 12.21 10.31
C PHE B 18 11.46 11.06 10.82
N LEU B 19 11.95 9.82 10.79
CA LEU B 19 11.12 8.69 11.25
C LEU B 19 10.84 8.81 12.76
N SER B 20 11.83 9.31 13.51
CA SER B 20 11.64 9.55 14.94
C SER B 20 10.60 10.65 15.19
N GLU B 21 10.71 11.76 14.45
CA GLU B 21 9.73 12.83 14.59
C GLU B 21 8.32 12.35 14.27
N LEU B 22 8.18 11.62 13.17
CA LEU B 22 6.87 11.04 12.84
C LEU B 22 6.34 10.15 13.96
N THR B 23 7.18 9.26 14.50
CA THR B 23 6.78 8.39 15.59
C THR B 23 6.27 9.18 16.78
N GLN B 24 7.06 10.18 17.17
CA GLN B 24 6.75 10.98 18.34
C GLN B 24 5.49 11.80 18.16
N GLN B 25 5.37 12.45 17.00
CA GLN B 25 4.26 13.37 16.73
C GLN B 25 2.95 12.60 16.51
N LEU B 26 3.03 11.43 15.86
CA LEU B 26 1.83 10.58 15.72
C LEU B 26 1.37 9.99 17.03
N ALA B 27 2.32 9.64 17.91
CA ALA B 27 1.93 9.16 19.22
C ALA B 27 1.15 10.25 19.95
N GLN B 28 1.66 11.48 19.90
CA GLN B 28 0.99 12.60 20.56
C GLN B 28 -0.39 12.83 19.96
N ALA B 29 -0.47 12.79 18.62
CA ALA B 29 -1.72 13.12 17.93
C ALA B 29 -2.82 12.07 18.11
N THR B 30 -2.43 10.79 18.05
CA THR B 30 -3.40 9.69 18.16
C THR B 30 -3.69 9.26 19.59
N GLY B 31 -2.85 9.68 20.53
CA GLY B 31 -2.98 9.26 21.93
C GLY B 31 -2.45 7.86 22.19
N LYS B 32 -1.91 7.22 21.16
CA LYS B 32 -1.35 5.88 21.28
C LYS B 32 0.10 5.95 21.73
N PRO B 33 0.52 5.00 22.59
CA PRO B 33 1.92 4.94 23.01
C PRO B 33 2.84 4.79 21.81
N PRO B 34 3.99 5.49 21.81
CA PRO B 34 4.89 5.44 20.66
C PRO B 34 5.42 4.03 20.36
N GLN B 35 5.46 3.14 21.34
CA GLN B 35 5.93 1.78 21.10
C GLN B 35 5.12 1.07 20.01
N TYR B 36 3.88 1.48 19.78
N TYR B 36 3.85 1.47 19.86
CA TYR B 36 3.07 0.75 18.82
CA TYR B 36 2.90 0.86 18.90
C TYR B 36 2.92 1.47 17.50
C TYR B 36 3.15 1.35 17.48
N ILE B 37 3.66 2.57 17.36
CA ILE B 37 3.66 3.32 16.09
C ILE B 37 4.71 2.78 15.15
N ALA B 38 4.27 2.42 13.94
CA ALA B 38 5.19 2.02 12.89
C ALA B 38 5.16 3.08 11.80
N VAL B 39 6.33 3.41 11.28
CA VAL B 39 6.46 4.45 10.25
C VAL B 39 7.31 3.93 9.11
N HIS B 40 6.93 4.28 7.89
CA HIS B 40 7.57 3.75 6.71
C HIS B 40 7.64 4.91 5.70
N VAL B 41 8.86 5.28 5.30
CA VAL B 41 9.09 6.38 4.37
C VAL B 41 9.76 5.84 3.13
N VAL B 42 9.18 6.14 1.98
CA VAL B 42 9.65 5.59 0.69
C VAL B 42 9.96 6.75 -0.26
N PRO B 43 11.23 7.18 -0.31
CA PRO B 43 11.63 8.27 -1.19
C PRO B 43 11.92 7.82 -2.62
N ASP B 44 12.23 8.78 -3.47
CA ASP B 44 12.75 8.53 -4.83
C ASP B 44 11.77 7.79 -5.71
N GLN B 45 10.48 7.97 -5.43
CA GLN B 45 9.44 7.26 -6.20
C GLN B 45 9.10 7.93 -7.52
N LEU B 46 8.63 7.11 -8.46
CA LEU B 46 8.12 7.57 -9.74
C LEU B 46 6.63 7.89 -9.56
N MET B 47 6.34 9.19 -9.42
CA MET B 47 4.97 9.65 -9.07
C MET B 47 4.63 10.94 -9.80
N ALA B 48 3.34 11.15 -9.99
CA ALA B 48 2.84 12.43 -10.51
C ALA B 48 1.59 12.81 -9.73
N PHE B 49 1.34 14.12 -9.64
CA PHE B 49 0.16 14.61 -8.95
C PHE B 49 -0.39 15.70 -9.88
N GLY B 50 -1.57 15.48 -10.41
CA GLY B 50 -2.17 16.41 -11.37
C GLY B 50 -1.37 16.53 -12.67
N GLY B 51 -0.65 15.46 -12.99
CA GLY B 51 0.17 15.42 -14.22
C GLY B 51 1.47 16.17 -14.12
N SER B 52 1.81 16.63 -12.91
CA SER B 52 3.08 17.29 -12.64
C SER B 52 3.99 16.35 -11.84
N SER B 53 5.27 16.34 -12.16
CA SER B 53 6.25 15.53 -11.41
C SER B 53 7.02 16.33 -10.36
N GLU B 54 6.53 17.53 -10.04
CA GLU B 54 7.07 18.31 -8.92
C GLU B 54 6.87 17.53 -7.60
N PRO B 55 7.60 17.91 -6.54
CA PRO B 55 7.49 17.15 -5.29
C PRO B 55 6.05 16.91 -4.83
N CYS B 56 5.75 15.67 -4.46
CA CYS B 56 4.44 15.28 -3.98
C CYS B 56 4.57 14.07 -3.05
N ALA B 57 3.47 13.74 -2.39
CA ALA B 57 3.47 12.57 -1.50
C ALA B 57 2.11 11.93 -1.45
N LEU B 58 2.12 10.61 -1.35
CA LEU B 58 0.90 9.82 -1.14
C LEU B 58 1.12 9.03 0.13
N CYS B 59 0.19 9.16 1.07
CA CYS B 59 0.39 8.59 2.41
C CYS B 59 -0.84 7.83 2.86
N SER B 60 -0.64 7.00 3.88
CA SER B 60 -1.77 6.38 4.56
C SER B 60 -1.52 6.31 6.05
N LEU B 61 -2.59 6.45 6.80
CA LEU B 61 -2.53 6.24 8.24
C LEU B 61 -3.59 5.22 8.61
N HIS B 62 -3.16 4.11 9.20
CA HIS B 62 -4.05 3.04 9.65
C HIS B 62 -4.04 3.01 11.17
N SER B 63 -5.22 2.97 11.77
CA SER B 63 -5.30 2.93 13.24
C SER B 63 -6.53 2.14 13.65
N ILE B 64 -6.45 1.51 14.82
CA ILE B 64 -7.63 0.89 15.42
C ILE B 64 -8.26 1.99 16.25
N GLY B 65 -9.32 2.59 15.69
CA GLY B 65 -9.91 3.78 16.29
C GLY B 65 -9.06 5.02 16.12
N LYS B 66 -9.46 6.09 16.80
CA LYS B 66 -8.82 7.41 16.67
C LYS B 66 -8.83 7.98 15.24
N ILE B 67 -9.84 7.58 14.47
CA ILE B 67 -10.04 8.04 13.10
C ILE B 67 -11.47 8.58 13.02
N GLY B 68 -11.61 9.76 12.44
CA GLY B 68 -12.93 10.38 12.26
C GLY B 68 -12.82 11.76 11.67
N GLY B 69 -13.94 12.39 11.44
CA GLY B 69 -13.97 13.67 10.78
C GLY B 69 -13.01 14.71 11.30
N ALA B 70 -13.20 15.09 12.54
CA ALA B 70 -12.42 16.12 13.17
C ALA B 70 -10.92 15.72 13.38
N GLN B 71 -10.75 14.46 13.80
CA GLN B 71 -9.43 13.90 14.06
C GLN B 71 -8.62 13.87 12.77
N ASN B 72 -9.25 13.45 11.69
CA ASN B 72 -8.52 13.38 10.43
C ASN B 72 -8.10 14.75 9.91
N ARG B 73 -8.93 15.77 10.10
CA ARG B 73 -8.51 17.13 9.78
C ARG B 73 -7.26 17.53 10.57
N SER B 74 -7.26 17.19 11.87
CA SER B 74 -6.12 17.48 12.72
C SER B 74 -4.87 16.73 12.28
N TYR B 75 -5.02 15.45 11.94
CA TYR B 75 -3.87 14.68 11.43
C TYR B 75 -3.35 15.28 10.13
N SER B 76 -4.25 15.73 9.28
CA SER B 76 -3.82 16.27 7.98
C SER B 76 -3.03 17.56 8.12
N LYS B 77 -3.49 18.42 9.03
CA LYS B 77 -2.76 19.65 9.32
C LYS B 77 -1.38 19.31 9.85
N LEU B 78 -1.31 18.36 10.80
CA LEU B 78 -0.03 17.95 11.36
C LEU B 78 0.91 17.38 10.29
N LEU B 79 0.39 16.43 9.52
CA LEU B 79 1.23 15.69 8.58
C LEU B 79 1.62 16.51 7.34
N CYS B 80 0.66 17.25 6.78
CA CYS B 80 1.02 18.16 5.69
C CYS B 80 2.02 19.20 6.17
N GLY B 81 1.86 19.68 7.42
CA GLY B 81 2.81 20.63 7.97
C GLY B 81 4.22 20.05 7.97
N LEU B 82 4.34 18.80 8.44
CA LEU B 82 5.65 18.15 8.49
C LEU B 82 6.22 17.91 7.10
N LEU B 83 5.38 17.47 6.17
CA LEU B 83 5.87 17.24 4.83
C LEU B 83 6.34 18.54 4.15
N ALA B 84 5.63 19.63 4.42
CA ALA B 84 6.06 20.94 3.90
C ALA B 84 7.37 21.42 4.53
N GLU B 85 7.44 21.36 5.87
CA GLU B 85 8.60 21.89 6.56
C GLU B 85 9.84 21.02 6.40
N ARG B 86 9.66 19.70 6.47
CA ARG B 86 10.82 18.80 6.45
C ARG B 86 11.22 18.36 5.05
N LEU B 87 10.22 18.07 4.20
CA LEU B 87 10.49 17.56 2.85
C LEU B 87 10.28 18.56 1.71
N ARG B 88 9.81 19.72 2.07
CA ARG B 88 9.58 20.78 1.11
C ARG B 88 8.54 20.45 0.07
N ILE B 89 7.52 19.70 0.48
CA ILE B 89 6.39 19.33 -0.38
C ILE B 89 5.20 20.23 -0.09
N SER B 90 4.68 20.86 -1.15
CA SER B 90 3.49 21.70 -0.98
C SER B 90 2.30 20.87 -0.47
N PRO B 91 1.56 21.38 0.52
CA PRO B 91 0.42 20.61 1.05
C PRO B 91 -0.65 20.26 0.03
N ASP B 92 -0.77 21.05 -1.03
CA ASP B 92 -1.76 20.76 -2.07
C ASP B 92 -1.28 19.69 -3.05
N ARG B 93 -0.11 19.11 -2.76
CA ARG B 93 0.40 17.97 -3.54
C ARG B 93 0.62 16.75 -2.65
N VAL B 94 -0.20 16.67 -1.58
CA VAL B 94 -0.19 15.53 -0.66
C VAL B 94 -1.58 14.97 -0.59
N TYR B 95 -1.72 13.64 -0.71
CA TYR B 95 -2.94 12.94 -0.32
C TYR B 95 -2.63 12.00 0.84
N ILE B 96 -3.55 11.90 1.80
CA ILE B 96 -3.42 10.97 2.93
C ILE B 96 -4.70 10.15 3.03
N ASN B 97 -4.59 8.83 2.92
CA ASN B 97 -5.76 7.96 3.08
C ASN B 97 -5.81 7.51 4.53
N TYR B 98 -6.97 7.69 5.17
CA TYR B 98 -7.15 7.27 6.58
C TYR B 98 -7.97 6.00 6.64
N TYR B 99 -7.52 5.05 7.47
CA TYR B 99 -8.18 3.74 7.61
C TYR B 99 -8.41 3.45 9.09
N ASP B 100 -9.68 3.30 9.44
CA ASP B 100 -10.08 2.87 10.79
C ASP B 100 -10.27 1.37 10.74
N MET B 101 -9.36 0.65 11.37
CA MET B 101 -9.38 -0.79 11.26
C MET B 101 -9.94 -1.48 12.49
N ASN B 102 -10.58 -2.61 12.25
CA ASN B 102 -11.03 -3.48 13.33
C ASN B 102 -9.84 -4.24 13.90
N ALA B 103 -9.77 -4.33 15.24
CA ALA B 103 -8.70 -5.07 15.90
C ALA B 103 -8.51 -6.49 15.39
N ALA B 104 -9.60 -7.15 14.99
CA ALA B 104 -9.55 -8.53 14.50
C ALA B 104 -8.80 -8.63 13.17
N ASN B 105 -8.65 -7.50 12.50
CA ASN B 105 -8.02 -7.43 11.18
C ASN B 105 -6.60 -6.87 11.24
N VAL B 106 -6.03 -6.82 12.44
CA VAL B 106 -4.63 -6.38 12.58
C VAL B 106 -3.83 -7.45 13.27
N GLY B 107 -2.90 -8.05 12.53
CA GLY B 107 -2.04 -9.10 13.09
C GLY B 107 -0.79 -8.50 13.72
N TRP B 108 -0.31 -9.15 14.78
CA TRP B 108 0.87 -8.72 15.55
C TRP B 108 1.28 -9.86 16.48
N ASN B 109 2.57 -10.11 16.62
CA ASN B 109 3.05 -11.03 17.65
C ASN B 109 2.36 -12.39 17.61
N ASN B 110 2.28 -12.98 16.41
CA ASN B 110 1.71 -14.32 16.20
C ASN B 110 0.19 -14.44 16.41
N SER B 111 -0.47 -13.31 16.60
CA SER B 111 -1.90 -13.28 16.85
C SER B 111 -2.50 -12.05 16.18
N THR B 112 -3.68 -11.65 16.65
CA THR B 112 -4.28 -10.38 16.25
C THR B 112 -4.62 -9.59 17.49
N PHE B 113 -5.00 -8.33 17.32
CA PHE B 113 -5.42 -7.54 18.46
C PHE B 113 -6.83 -7.86 18.97
N ALA B 114 -7.61 -8.61 18.21
CA ALA B 114 -8.97 -9.03 18.63
C ALA B 114 -8.94 -9.78 19.95
N PRO C 1 -5.70 -14.48 -3.67
CA PRO C 1 -5.29 -13.51 -2.64
C PRO C 1 -3.97 -12.81 -2.97
N MET C 2 -3.69 -11.76 -2.22
CA MET C 2 -2.51 -10.93 -2.47
C MET C 2 -1.84 -10.72 -1.11
N PHE C 3 -0.55 -11.02 -1.03
CA PHE C 3 0.20 -10.80 0.21
C PHE C 3 1.42 -9.95 -0.05
N ILE C 4 1.58 -8.88 0.73
CA ILE C 4 2.66 -7.94 0.59
C ILE C 4 3.41 -7.82 1.89
N VAL C 5 4.74 -7.86 1.82
CA VAL C 5 5.56 -7.66 3.01
C VAL C 5 6.61 -6.58 2.75
N ASN C 6 6.60 -5.55 3.58
CA ASN C 6 7.53 -4.47 3.51
C ASN C 6 8.44 -4.60 4.71
N THR C 7 9.78 -4.60 4.51
CA THR C 7 10.71 -4.76 5.61
C THR C 7 11.99 -3.96 5.43
N ASN C 8 12.65 -3.63 6.54
CA ASN C 8 13.95 -2.98 6.50
C ASN C 8 15.11 -3.98 6.40
N VAL C 9 14.81 -5.27 6.46
CA VAL C 9 15.87 -6.29 6.31
C VAL C 9 16.45 -6.22 4.88
N PRO C 10 17.78 -6.37 4.74
CA PRO C 10 18.39 -6.24 3.41
C PRO C 10 17.96 -7.33 2.42
N ARG C 11 18.01 -7.01 1.14
CA ARG C 11 17.64 -7.95 0.09
C ARG C 11 18.43 -9.25 0.21
N ALA C 12 19.71 -9.13 0.55
CA ALA C 12 20.61 -10.28 0.63
C ALA C 12 20.21 -11.29 1.70
N SER C 13 19.35 -10.87 2.63
CA SER C 13 18.89 -11.73 3.72
C SER C 13 17.54 -12.40 3.41
N VAL C 14 16.99 -12.14 2.23
CA VAL C 14 15.78 -12.81 1.78
C VAL C 14 16.18 -14.08 1.03
N PRO C 15 15.84 -15.26 1.59
CA PRO C 15 16.28 -16.52 1.02
C PRO C 15 15.70 -16.77 -0.37
N ASP C 16 16.46 -17.44 -1.23
CA ASP C 16 15.90 -17.89 -2.50
C ASP C 16 14.83 -18.93 -2.21
N GLY C 17 13.72 -18.84 -2.94
CA GLY C 17 12.58 -19.72 -2.69
C GLY C 17 11.54 -19.11 -1.77
N PHE C 18 11.85 -17.95 -1.18
CA PHE C 18 10.93 -17.28 -0.26
C PHE C 18 9.57 -16.96 -0.90
N LEU C 19 9.57 -16.43 -2.12
CA LEU C 19 8.31 -16.14 -2.82
C LEU C 19 7.49 -17.42 -3.00
N SER C 20 8.15 -18.51 -3.38
CA SER C 20 7.46 -19.79 -3.56
C SER C 20 6.94 -20.37 -2.26
N GLU C 21 7.73 -20.25 -1.20
CA GLU C 21 7.30 -20.68 0.11
C GLU C 21 6.04 -19.92 0.53
N LEU C 22 6.04 -18.60 0.36
CA LEU C 22 4.85 -17.79 0.67
C LEU C 22 3.65 -18.21 -0.16
N THR C 23 3.86 -18.42 -1.45
CA THR C 23 2.78 -18.87 -2.34
C THR C 23 2.14 -20.17 -1.86
N GLN C 24 2.97 -21.16 -1.57
CA GLN C 24 2.47 -22.48 -1.21
C GLN C 24 1.83 -22.49 0.18
N GLN C 25 2.46 -21.80 1.11
CA GLN C 25 1.96 -21.73 2.48
C GLN C 25 0.61 -21.00 2.54
N LEU C 26 0.49 -19.92 1.75
CA LEU C 26 -0.77 -19.18 1.68
C LEU C 26 -1.88 -19.97 1.00
N ALA C 27 -1.51 -20.78 0.01
CA ALA C 27 -2.45 -21.67 -0.66
C ALA C 27 -3.09 -22.63 0.36
N GLN C 28 -2.25 -23.25 1.17
CA GLN C 28 -2.70 -24.20 2.17
C GLN C 28 -3.53 -23.54 3.25
N ALA C 29 -3.10 -22.35 3.69
CA ALA C 29 -3.76 -21.60 4.76
C ALA C 29 -5.14 -21.08 4.37
N THR C 30 -5.24 -20.44 3.20
CA THR C 30 -6.50 -19.87 2.70
C THR C 30 -7.38 -20.90 1.98
N GLY C 31 -6.78 -22.00 1.55
CA GLY C 31 -7.50 -23.01 0.79
C GLY C 31 -7.80 -22.59 -0.64
N LYS C 32 -7.25 -21.45 -1.06
CA LYS C 32 -7.40 -20.98 -2.44
C LYS C 32 -6.33 -21.58 -3.35
N PRO C 33 -6.66 -21.81 -4.64
CA PRO C 33 -5.68 -22.43 -5.54
C PRO C 33 -4.46 -21.53 -5.77
N PRO C 34 -3.24 -22.13 -5.82
CA PRO C 34 -1.99 -21.37 -5.89
C PRO C 34 -1.88 -20.47 -7.14
N GLN C 35 -2.59 -20.81 -8.18
CA GLN C 35 -2.55 -20.03 -9.38
C GLN C 35 -3.14 -18.62 -9.21
N TYR C 36 -3.92 -18.40 -8.18
CA TYR C 36 -4.50 -17.08 -7.92
C TYR C 36 -3.75 -16.27 -6.87
N ILE C 37 -2.71 -16.86 -6.30
CA ILE C 37 -1.97 -16.19 -5.22
C ILE C 37 -0.85 -15.29 -5.73
N ALA C 38 -0.88 -14.03 -5.29
CA ALA C 38 0.15 -13.07 -5.64
C ALA C 38 0.91 -12.70 -4.40
N VAL C 39 2.24 -12.65 -4.50
CA VAL C 39 3.10 -12.31 -3.36
C VAL C 39 4.10 -11.25 -3.76
N HIS C 40 4.42 -10.35 -2.84
CA HIS C 40 5.24 -9.20 -3.15
C HIS C 40 6.07 -8.92 -1.91
N VAL C 41 7.40 -8.96 -2.06
CA VAL C 41 8.33 -8.76 -0.94
C VAL C 41 9.18 -7.52 -1.24
N VAL C 42 9.23 -6.59 -0.29
CA VAL C 42 9.92 -5.33 -0.47
C VAL C 42 10.96 -5.13 0.64
N PRO C 43 12.23 -5.48 0.37
CA PRO C 43 13.28 -5.34 1.38
C PRO C 43 13.94 -3.96 1.35
N ASP C 44 14.90 -3.74 2.26
CA ASP C 44 15.72 -2.52 2.27
C ASP C 44 14.94 -1.23 2.50
N GLN C 45 13.81 -1.32 3.19
CA GLN C 45 12.97 -0.15 3.40
C GLN C 45 13.40 0.72 4.57
N LEU C 46 13.10 2.00 4.47
CA LEU C 46 13.37 2.93 5.57
C LEU C 46 12.14 2.88 6.49
N MET C 47 12.24 2.15 7.59
CA MET C 47 11.12 1.99 8.50
C MET C 47 11.54 2.01 9.96
N ALA C 48 10.57 2.27 10.82
CA ALA C 48 10.77 2.15 12.26
C ALA C 48 9.52 1.56 12.88
N PHE C 49 9.69 0.87 14.00
CA PHE C 49 8.58 0.27 14.69
C PHE C 49 8.87 0.61 16.13
N GLY C 50 7.97 1.37 16.75
CA GLY C 50 8.20 1.85 18.12
C GLY C 50 9.38 2.82 18.25
N GLY C 51 9.76 3.43 17.11
CA GLY C 51 10.88 4.39 17.08
C GLY C 51 12.23 3.77 16.77
N SER C 52 12.25 2.43 16.78
CA SER C 52 13.48 1.64 16.61
C SER C 52 13.60 1.13 15.18
N SER C 53 14.83 1.13 14.66
CA SER C 53 15.11 0.66 13.29
C SER C 53 15.64 -0.78 13.26
N GLU C 54 15.50 -1.50 14.37
CA GLU C 54 15.77 -2.95 14.39
C GLU C 54 14.84 -3.65 13.41
N PRO C 55 15.16 -4.89 12.97
CA PRO C 55 14.31 -5.52 11.94
C PRO C 55 12.81 -5.51 12.27
N CYS C 56 12.00 -5.08 11.29
CA CYS C 56 10.55 -5.10 11.44
C CYS C 56 9.90 -5.33 10.08
N ALA C 57 8.59 -5.51 10.08
CA ALA C 57 7.86 -5.74 8.84
C ALA C 57 6.45 -5.22 8.94
N LEU C 58 5.97 -4.69 7.84
CA LEU C 58 4.59 -4.20 7.68
C LEU C 58 3.97 -4.99 6.53
N CYS C 59 2.89 -5.77 6.82
CA CYS C 59 2.28 -6.64 5.85
C CYS C 59 0.83 -6.40 5.66
N SER C 60 0.37 -7.00 4.59
CA SER C 60 -1.03 -6.93 4.25
C SER C 60 -1.42 -8.18 3.47
N LEU C 61 -2.58 -8.72 3.83
CA LEU C 61 -3.17 -9.85 3.11
C LEU C 61 -4.57 -9.42 2.66
N HIS C 62 -4.81 -9.50 1.35
CA HIS C 62 -6.07 -9.12 0.73
C HIS C 62 -6.72 -10.38 0.19
N SER C 63 -7.99 -10.58 0.52
CA SER C 63 -8.68 -11.80 0.06
C SER C 63 -10.16 -11.55 -0.09
N ILE C 64 -10.79 -12.25 -1.02
CA ILE C 64 -12.25 -12.26 -1.12
C ILE C 64 -12.71 -13.40 -0.21
N GLY C 65 -13.25 -13.03 0.94
CA GLY C 65 -13.57 -14.00 1.99
C GLY C 65 -12.33 -14.62 2.62
N LYS C 66 -12.54 -15.65 3.45
CA LYS C 66 -11.45 -16.36 4.14
C LYS C 66 -10.69 -15.45 5.11
N ILE C 67 -11.34 -14.36 5.53
CA ILE C 67 -10.80 -13.41 6.50
C ILE C 67 -11.81 -13.31 7.64
N GLY C 68 -11.30 -13.31 8.87
CA GLY C 68 -12.18 -13.28 10.04
C GLY C 68 -11.36 -13.46 11.30
N GLY C 69 -12.01 -13.28 12.46
CA GLY C 69 -11.31 -13.37 13.74
C GLY C 69 -10.40 -14.59 13.86
N ALA C 70 -10.98 -15.77 13.73
CA ALA C 70 -10.25 -17.02 13.97
C ALA C 70 -9.19 -17.26 12.89
N GLN C 71 -9.58 -17.05 11.64
CA GLN C 71 -8.68 -17.26 10.50
C GLN C 71 -7.47 -16.34 10.57
N ASN C 72 -7.70 -15.08 10.93
CA ASN C 72 -6.62 -14.08 10.99
C ASN C 72 -5.58 -14.39 12.06
N ARG C 73 -6.02 -14.93 13.19
CA ARG C 73 -5.09 -15.39 14.22
C ARG C 73 -4.19 -16.49 13.64
N SER C 74 -4.80 -17.42 12.91
CA SER C 74 -4.07 -18.52 12.31
C SER C 74 -3.09 -18.00 11.26
N TYR C 75 -3.53 -17.09 10.40
CA TYR C 75 -2.63 -16.49 9.41
C TYR C 75 -1.47 -15.77 10.07
N SER C 76 -1.73 -15.08 11.18
CA SER C 76 -0.69 -14.31 11.83
C SER C 76 0.39 -15.22 12.41
N LYS C 77 -0.03 -16.35 12.96
CA LYS C 77 0.91 -17.33 13.49
C LYS C 77 1.80 -17.88 12.39
N LEU C 78 1.16 -18.23 11.26
CA LEU C 78 1.87 -18.75 10.09
C LEU C 78 2.85 -17.72 9.54
N LEU C 79 2.37 -16.51 9.35
CA LEU C 79 3.16 -15.49 8.69
C LEU C 79 4.29 -14.92 9.56
N CYS C 80 4.00 -14.64 10.84
CA CYS C 80 5.07 -14.24 11.76
C CYS C 80 6.13 -15.36 11.88
N GLY C 81 5.67 -16.61 11.86
CA GLY C 81 6.57 -17.76 11.92
C GLY C 81 7.55 -17.75 10.77
N LEU C 82 7.05 -17.52 9.56
CA LEU C 82 7.91 -17.43 8.38
C LEU C 82 8.86 -16.23 8.43
N LEU C 83 8.35 -15.09 8.87
CA LEU C 83 9.20 -13.90 8.95
C LEU C 83 10.28 -14.06 10.00
N ALA C 84 9.96 -14.73 11.09
CA ALA C 84 10.97 -15.02 12.12
C ALA C 84 12.02 -16.01 11.63
N GLU C 85 11.55 -17.10 11.03
CA GLU C 85 12.44 -18.18 10.59
C GLU C 85 13.32 -17.75 9.40
N ARG C 86 12.71 -17.12 8.41
CA ARG C 86 13.42 -16.79 7.17
C ARG C 86 14.11 -15.43 7.16
N LEU C 87 13.49 -14.43 7.77
CA LEU C 87 13.99 -13.06 7.73
C LEU C 87 14.55 -12.58 9.07
N ARG C 88 14.43 -13.45 10.09
CA ARG C 88 14.95 -13.13 11.43
C ARG C 88 14.26 -11.90 12.03
N ILE C 89 13.00 -11.71 11.77
CA ILE C 89 12.24 -10.60 12.32
C ILE C 89 11.43 -11.09 13.51
N SER C 90 11.54 -10.41 14.65
CA SER C 90 10.77 -10.74 15.84
C SER C 90 9.29 -10.53 15.57
N PRO C 91 8.43 -11.48 15.98
CA PRO C 91 6.97 -11.35 15.76
C PRO C 91 6.34 -10.10 16.40
N ASP C 92 6.92 -9.59 17.47
CA ASP C 92 6.40 -8.36 18.06
C ASP C 92 6.80 -7.09 17.33
N ARG C 93 7.50 -7.25 16.19
CA ARG C 93 7.87 -6.13 15.34
C ARG C 93 7.30 -6.35 13.93
N VAL C 94 6.18 -7.06 13.87
CA VAL C 94 5.44 -7.30 12.63
C VAL C 94 4.00 -6.85 12.81
N TYR C 95 3.50 -6.07 11.85
CA TYR C 95 2.06 -5.81 11.73
C TYR C 95 1.57 -6.41 10.43
N ILE C 96 0.37 -7.01 10.46
CA ILE C 96 -0.26 -7.53 9.23
C ILE C 96 -1.67 -6.97 9.16
N ASN C 97 -1.97 -6.22 8.10
CA ASN C 97 -3.31 -5.68 7.88
C ASN C 97 -4.10 -6.70 7.04
N TYR C 98 -5.26 -7.14 7.53
CA TYR C 98 -6.14 -8.11 6.82
C TYR C 98 -7.30 -7.38 6.16
N TYR C 99 -7.54 -7.68 4.88
CA TYR C 99 -8.59 -7.02 4.12
C TYR C 99 -9.50 -8.07 3.51
N ASP C 100 -10.76 -8.06 3.93
CA ASP C 100 -11.80 -8.91 3.33
C ASP C 100 -12.51 -8.07 2.27
N MET C 101 -12.16 -8.33 1.02
CA MET C 101 -12.64 -7.48 -0.06
C MET C 101 -13.91 -8.04 -0.70
N ASN C 102 -14.80 -7.13 -1.12
CA ASN C 102 -15.96 -7.50 -1.94
C ASN C 102 -15.45 -7.87 -3.32
N ALA C 103 -16.01 -8.93 -3.90
CA ALA C 103 -15.61 -9.38 -5.23
C ALA C 103 -15.69 -8.28 -6.29
N ALA C 104 -16.68 -7.40 -6.15
CA ALA C 104 -16.87 -6.30 -7.10
C ALA C 104 -15.73 -5.26 -7.04
N ASN C 105 -14.98 -5.27 -5.96
CA ASN C 105 -13.88 -4.32 -5.77
C ASN C 105 -12.49 -4.93 -6.03
N VAL C 106 -12.48 -6.10 -6.67
CA VAL C 106 -11.21 -6.73 -7.07
C VAL C 106 -11.20 -6.93 -8.57
N GLY C 107 -10.37 -6.17 -9.29
CA GLY C 107 -10.20 -6.31 -10.73
C GLY C 107 -9.18 -7.39 -11.08
N TRP C 108 -9.47 -8.12 -12.14
CA TRP C 108 -8.54 -9.09 -12.70
C TRP C 108 -8.92 -9.30 -14.15
N ASN C 109 -7.93 -9.29 -15.02
CA ASN C 109 -8.17 -9.68 -16.42
C ASN C 109 -9.44 -9.06 -17.03
N ASN C 110 -9.47 -7.73 -17.08
CA ASN C 110 -10.50 -7.02 -17.84
C ASN C 110 -11.90 -7.08 -17.24
N SER C 111 -11.98 -7.46 -15.96
CA SER C 111 -13.25 -7.48 -15.27
C SER C 111 -13.01 -7.42 -13.75
N THR C 112 -14.04 -7.79 -13.00
CA THR C 112 -13.90 -7.99 -11.56
C THR C 112 -14.32 -9.42 -11.24
N PHE C 113 -14.19 -9.78 -9.97
CA PHE C 113 -14.62 -11.12 -9.56
C PHE C 113 -16.10 -11.27 -9.22
N ALA C 114 -16.85 -10.17 -9.31
CA ALA C 114 -18.28 -10.21 -8.96
C ALA C 114 -19.05 -11.05 -9.96
#